data_9JX5
#
_entry.id   9JX5
#
loop_
_entity.id
_entity.type
_entity.pdbx_description
1 polymer "DNA (5'-D(*GP*GP*GP*CP*CP*TP*GP*GP*GP*CP*CP*TP*GP*GP*GP*CP*CP*TP*GP*GP*G)-3')"
2 non-polymer 4-(2-azanylethoxy)-N2,N6-bis[4-(2-azanylethoxy)quinolin-2-yl]pyridine-2,6-dicarboxamide
#
_entity_poly.entity_id   1
_entity_poly.type   'polydeoxyribonucleotide'
_entity_poly.pdbx_seq_one_letter_code
;(DG)(DG)(DG)(DC)(DC)(DT)(DG)(DG)(DG)(DC)(DC)(DT)(DG)(DG)(DG)(DC)(DC)(DT)(DG)(DG)
(DG)
;
_entity_poly.pdbx_strand_id   A
#
loop_
_chem_comp.id
_chem_comp.type
_chem_comp.name
_chem_comp.formula
7V8 non-polymer 4-(2-azanylethoxy)-N2,N6-bis[4-(2-azanylethoxy)quinolin-2-yl]pyridine-2,6-dicarboxamide 'C31 H32 N8 O5'
DC DNA linking 2'-DEOXYCYTIDINE-5'-MONOPHOSPHATE 'C9 H14 N3 O7 P'
DG DNA linking 2'-DEOXYGUANOSINE-5'-MONOPHOSPHATE 'C10 H14 N5 O7 P'
DT DNA linking THYMIDINE-5'-MONOPHOSPHATE 'C10 H15 N2 O8 P'
#
# COMPACT_ATOMS: atom_id res chain seq x y z
C6 7V8 B . 0.19 1.79 -4.46
N13 7V8 B . -0.16 2.48 0.29
C2 7V8 B . 0.20 0.02 -2.78
C5 7V8 B . 0.09 2.72 -3.41
C11 7V8 B . -0.12 3.19 -0.89
C18 7V8 B . 0.11 -3.61 2.04
C29 7V8 B . -0.49 0.46 4.28
C31 7V8 B . -0.67 1.56 6.41
C28 7V8 B . -0.59 4.05 2.22
C23 7V8 B . -0.28 -3.42 3.37
C26 7V8 B . -0.68 2.88 4.36
C1 7V8 B . 0.30 0.41 -4.14
C16 7V8 B . 0.91 -5.12 0.30
C7 7V8 B . 0.26 -1.45 -2.34
C15 7V8 B . 0.67 -4.09 -0.62
C21 7V8 B . 0.48 -5.65 3.98
N9 7V8 B . 0.09 -1.67 -0.97
C4 7V8 B . 0.02 2.26 -2.09
C10 7V8 B . 0.26 -2.83 -0.16
C17 7V8 B . 0.64 -4.87 1.67
C22 7V8 B . -0.12 -4.43 4.34
C27 7V8 B . -0.78 4.09 3.63
C32 7V8 B . -0.76 2.81 5.77
N36 7V8 B . -1.06 -6.87 -1.70
C35 7V8 B . 0.28 -7.59 -1.84
C34 7V8 B . 1.54 -6.83 -1.39
O33 7V8 B . 1.32 -6.39 -0.05
N19 7V8 B . -0.04 -2.61 1.14
C20 7V8 B . 0.85 -5.86 2.64
O8 7V8 B . 0.40 -2.36 -3.15
N3 7V8 B . 0.05 0.93 -1.81
O49 7V8 B . 0.11 2.27 -5.74
C50 7V8 B . 0.09 1.46 -6.93
C51 7V8 B . 1.53 1.22 -7.40
N52 7V8 B . 2.35 0.23 -6.59
O12 7V8 B . -0.20 4.41 -0.96
C14 7V8 B . -0.36 2.80 1.64
N24 7V8 B . -0.35 1.66 2.31
C25 7V8 B . -0.50 1.69 3.63
C30 7V8 B . -0.58 0.39 5.67
O37 7V8 B . -1.15 5.26 4.30
C38 7V8 B . -1.38 6.50 3.63
C39 7V8 B . -0.06 7.07 3.15
N40 7V8 B . -0.10 8.52 2.64
H56 7V8 B . -0.05 1.48 0.16
H54 7V8 B . 0.01 3.78 -3.63
H63 7V8 B . -0.35 -0.44 3.70
H65 7V8 B . -0.61 1.44 7.49
H62 7V8 B . -0.62 4.94 1.62
H61 7V8 B . -0.75 -2.50 3.67
H53 7V8 B . 0.36 -0.35 -4.90
H57 7V8 B . 0.86 -4.22 -1.68
H59 7V8 B . 0.63 -6.42 4.73
H55 7V8 B . -0.21 -0.85 -0.44
H60 7V8 B . -0.45 -4.27 5.36
H66 7V8 B . -0.84 3.72 6.37
H34 7V8 B . -1.47 -6.98 -0.75
H35 7V8 B . -1.75 -7.25 -2.38
H69 7V8 B . 0.38 -7.86 -2.89
H70 7V8 B . 0.21 -8.51 -1.27
H67 7V8 B . 1.76 -6.00 -2.08
H68 7V8 B . 2.39 -7.53 -1.43
H58 7V8 B . 1.30 -6.82 2.38
H92 7V8 B . -0.44 0.51 -6.77
H91 7V8 B . -0.44 2.00 -7.72
H94 7V8 B . 1.49 0.84 -8.42
H93 7V8 B . 2.05 2.17 -7.42
H97 7V8 B . 1.89 -0.70 -6.56
H95 7V8 B . 2.53 0.57 -5.63
H64 7V8 B . -0.56 -0.57 6.15
H71 7V8 B . -1.81 7.23 4.34
H72 7V8 B . -2.08 6.38 2.79
H73 7V8 B . 0.34 6.44 2.36
H74 7V8 B . 0.62 7.04 3.99
H31 7V8 B . -1.02 8.74 2.21
H32 7V8 B . 0.68 8.71 1.99
H33 7V8 B . -1.01 -5.84 -1.85
H96 7V8 B . 3.28 0.11 -7.03
H30 7V8 B . -0.02 9.18 3.43
C6 7V8 B . 0.13 1.75 -4.44
N13 7V8 B . -0.22 2.33 0.33
C2 7V8 B . 0.08 -0.08 -2.82
C5 7V8 B . 0.01 2.65 -3.37
C11 7V8 B . -0.18 3.07 -0.85
C18 7V8 B . 0.02 -3.78 1.93
C29 7V8 B . -0.48 0.33 4.34
C31 7V8 B . -0.64 1.45 6.48
C28 7V8 B . -0.62 3.90 2.27
C23 7V8 B . -0.29 -3.59 3.28
C26 7V8 B . -0.65 2.75 4.40
C1 7V8 B . 0.19 0.36 -4.15
C16 7V8 B . 0.77 -5.27 0.16
C7 7V8 B . 0.10 -1.55 -2.43
C15 7V8 B . 0.53 -4.23 -0.76
C21 7V8 B . 0.37 -5.86 3.83
N9 7V8 B . -0.06 -1.79 -1.04
C4 7V8 B . -0.07 2.16 -2.06
C10 7V8 B . 0.12 -2.98 -0.26
C17 7V8 B . 0.51 -5.05 1.52
C22 7V8 B . -0.12 -4.62 4.23
C27 7V8 B . -0.78 3.96 3.67
C32 7V8 B . -0.71 2.69 5.83
N36 7V8 B . -1.18 -6.78 -1.84
C35 7V8 B . 0.09 -7.60 -2.02
C34 7V8 B . 1.40 -6.94 -1.56
O33 7V8 B . 1.20 -6.54 -0.21
N19 7V8 B . -0.14 -2.77 1.05
C20 7V8 B . 0.68 -6.08 2.48
O8 7V8 B . 0.23 -2.44 -3.26
N3 7V8 B . -0.05 0.82 -1.80
O49 7V8 B . 0.11 2.27 -5.71
C50 7V8 B . 0.13 1.51 -6.92
C51 7V8 B . 1.57 1.21 -7.35
N52 7V8 B . 2.24 -0.03 -6.74
O12 7V8 B . -0.24 4.29 -0.90
C14 7V8 B . -0.39 2.65 1.68
N24 7V8 B . -0.35 1.52 2.37
C25 7V8 B . -0.48 1.55 3.69
C30 7V8 B . -0.59 0.27 5.72
O37 7V8 B . -1.14 5.10 4.36
C38 7V8 B . -1.41 6.35 3.69
C39 7V8 B . -0.10 7.00 3.32
N40 7V8 B . -0.20 8.19 2.38
H56 7V8 B . -0.10 1.34 0.18
H54 7V8 B . -0.04 3.72 -3.56
H63 7V8 B . -0.37 -0.58 3.77
H65 7V8 B . -0.61 1.35 7.55
H62 7V8 B . -0.70 4.79 1.64
H61 7V8 B . -0.70 -2.65 3.60
H53 7V8 B . 0.25 -0.38 -4.95
H57 7V8 B . 0.72 -4.34 -1.81
H59 7V8 B . 0.52 -6.66 4.56
H55 7V8 B . -0.32 -0.99 -0.49
H60 7V8 B . -0.39 -4.44 5.27
H66 7V8 B . -0.80 3.60 6.41
H34 7V8 B . -1.09 -5.79 -2.15
H35 7V8 B . -1.50 -6.71 -0.86
H69 7V8 B . 0.17 -7.85 -3.09
H70 7V8 B . -0.04 -8.53 -1.47
H67 7V8 B . 1.69 -6.12 -2.22
H68 7V8 B . 2.20 -7.69 -1.61
H58 7V8 B . 1.07 -7.06 2.18
H92 7V8 B . -0.47 0.58 -6.85
H91 7V8 B . -0.33 2.11 -7.72
H94 7V8 B . 1.58 1.05 -8.43
H93 7V8 B . 2.19 2.08 -7.14
H97 7V8 B . 2.44 0.09 -5.73
H95 7V8 B . 3.16 -0.21 -7.18
H64 7V8 B . -0.61 -0.69 6.22
H71 7V8 B . -1.93 7.03 4.37
H72 7V8 B . -2.04 6.20 2.82
H73 7V8 B . 0.54 6.25 2.84
H74 7V8 B . 0.40 7.33 4.24
H31 7V8 B . -0.30 7.88 1.39
H32 7V8 B . 0.62 8.81 2.46
H33 7V8 B . -1.95 -7.19 -2.41
H96 7V8 B . 1.64 -0.86 -6.87
H30 7V8 B . -1.05 8.75 2.60
C6 7V8 B . 0.26 1.93 -4.27
N13 7V8 B . -0.14 2.55 0.48
C2 7V8 B . 0.19 0.14 -2.62
C5 7V8 B . 0.13 2.85 -3.21
C11 7V8 B . -0.08 3.30 -0.68
C18 7V8 B . -0.20 -3.48 2.19
C29 7V8 B . -0.47 0.52 4.48
C31 7V8 B . -0.74 1.62 6.60
C28 7V8 B . -0.61 4.11 2.41
C23 7V8 B . -0.63 -3.26 3.52
C26 7V8 B . -0.72 2.94 4.55
C1 7V8 B . 0.34 0.55 -3.97
C16 7V8 B . 0.62 -5.01 0.51
C7 7V8 B . 0.19 -1.34 -2.19
C15 7V8 B . 0.46 -3.98 -0.44
C21 7V8 B . 0.02 -5.51 4.15
N9 7V8 B . -0.03 -1.55 -0.81
C4 7V8 B . 0.04 2.37 -1.90
C10 7V8 B . 0.06 -2.72 0.00
C17 7V8 B . 0.28 -4.76 1.84
C22 7V8 B . -0.52 -4.26 4.50
C27 7V8 B . -0.82 4.14 3.81
C32 7V8 B . -0.84 2.88 5.95
N36 7V8 B . -1.09 -6.43 -1.79
C35 7V8 B . 0.15 -7.32 -1.73
C34 7V8 B . 1.42 -6.70 -1.12
O33 7V8 B . 1.08 -6.27 0.20
N19 7V8 B . -0.28 -2.47 1.29
C20 7V8 B . 0.41 -5.76 2.84
O8 7V8 B . 0.33 -2.24 -2.99
N3 7V8 B . 0.03 1.04 -1.63
O49 7V8 B . 0.20 2.44 -5.55
C50 7V8 B . 0.21 1.67 -6.75
C51 7V8 B . 1.66 1.46 -7.23
N52 7V8 B . 2.47 0.42 -6.48
O12 7V8 B . -0.12 4.51 -0.73
C14 7V8 B . -0.35 2.86 1.83
N24 7V8 B . -0.33 1.72 2.51
C25 7V8 B . -0.50 1.75 3.82
C30 7V8 B . -0.59 0.45 5.86
O37 7V8 B . -1.20 5.30 4.47
C38 7V8 B . -1.43 6.55 3.78
C39 7V8 B . -0.08 7.14 3.41
N40 7V8 B . -0.10 8.28 2.39
H56 7V8 B . -0.02 1.55 0.34
H54 7V8 B . 0.08 3.91 -3.42
H63 7V8 B . -0.27 -0.38 3.91
H65 7V8 B . -0.72 1.53 7.68
H62 7V8 B . -0.66 4.99 1.79
H61 7V8 B . -1.05 -2.31 3.80
H53 7V8 B . 0.43 -0.20 -4.74
H57 7V8 B . 0.70 -4.12 -1.49
H59 7V8 B . 0.12 -6.28 4.92
H55 7V8 B . -0.33 -0.72 -0.30
H60 7V8 B . -0.86 -4.07 5.51
H66 7V8 B . -0.97 3.78 6.54
H34 7V8 B . -1.81 -6.89 -2.39
H35 7V8 B . -0.92 -5.51 -2.21
H69 7V8 B . 0.36 -7.65 -2.75
H70 7V8 B . -0.11 -8.20 -1.15
H67 7V8 B . 1.80 -5.88 -1.74
H68 7V8 B . 2.20 -7.48 -1.07
H58 7V8 B . 0.80 -6.75 2.58
H92 7V8 B . -0.31 0.71 -6.64
H91 7V8 B . -0.32 2.22 -7.54
H94 7V8 B . 1.62 1.15 -8.28
H93 7V8 B . 2.18 2.42 -7.18
H97 7V8 B . 2.01 -0.51 -6.45
H95 7V8 B . 2.68 0.71 -5.50
H64 7V8 B . -0.53 -0.50 6.35
H71 7V8 B . -1.93 7.26 4.43
H72 7V8 B . -2.05 6.40 2.90
H73 7V8 B . 0.56 6.35 3.01
H74 7V8 B . 0.38 7.52 4.32
H31 7V8 B . -0.21 7.90 1.43
H32 7V8 B . 0.76 8.84 2.42
H33 7V8 B . -1.50 -6.23 -0.86
H96 7V8 B . 3.39 0.26 -6.93
H30 7V8 B . -0.93 8.89 2.56
C6 7V8 B . -0.30 1.81 -4.44
N13 7V8 B . -0.44 2.42 0.32
C2 7V8 B . -0.09 0.03 -2.80
C5 7V8 B . -0.45 2.72 -3.38
C11 7V8 B . -0.54 3.15 -0.84
C18 7V8 B . -0.09 -3.66 1.93
C29 7V8 B . -0.32 0.43 4.35
C31 7V8 B . -0.41 1.54 6.48
C28 7V8 B . -0.79 3.99 2.28
C23 7V8 B . -0.42 -3.44 3.28
C26 7V8 B . -0.63 2.84 4.42
C1 7V8 B . -0.08 0.44 -4.14
C16 7V8 B . 0.64 -5.18 0.20
C7 7V8 B . 0.07 -1.44 -2.41
C15 7V8 B . 0.47 -4.13 -0.73
C21 7V8 B . 0.13 -5.73 3.86
N9 7V8 B . -0.05 -1.68 -1.02
C4 7V8 B . -0.42 2.24 -2.06
C10 7V8 B . 0.11 -2.86 -0.24
C17 7V8 B . 0.34 -4.95 1.55
C22 7V8 B . -0.31 -4.45 4.25
C27 7V8 B . -0.84 4.04 3.69
C32 7V8 B . -0.60 2.78 5.84
N36 7V8 B . -1.21 -6.51 -2.06
C35 7V8 B . 0.02 -7.42 -2.09
C34 7V8 B . 1.32 -6.85 -1.51
O33 7V8 B . 1.05 -6.46 -0.16
N19 7V8 B . -0.18 -2.64 1.05
C20 7V8 B . 0.44 -5.98 2.52
O8 7V8 B . 0.24 -2.33 -3.23
N3 7V8 B . -0.28 0.91 -1.80
O49 7V8 B . -0.43 2.32 -5.72
C50 7V8 B . -0.32 1.52 -6.91
C51 7V8 B . 1.17 1.40 -7.26
N52 7V8 B . 2.00 0.61 -6.25
O12 7V8 B . -0.68 4.36 -0.89
C14 7V8 B . -0.54 2.74 1.68
N24 7V8 B . -0.40 1.61 2.37
C25 7V8 B . -0.44 1.64 3.68
C30 7V8 B . -0.33 0.38 5.73
O37 7V8 B . -1.16 5.19 4.38
C38 7V8 B . -1.50 6.42 3.74
C39 7V8 B . -0.24 7.00 3.10
N40 7V8 B . -0.31 8.45 2.63
H56 7V8 B . -0.29 1.43 0.18
H54 7V8 B . -0.61 3.78 -3.56
H63 7V8 B . -0.18 -0.47 3.76
H65 7V8 B . -0.30 1.43 7.55
H62 7V8 B . -0.93 4.86 1.66
H61 7V8 B . -0.79 -2.48 3.59
H53 7V8 B . 0.01 -0.31 -4.92
H57 7V8 B . 0.67 -4.25 -1.79
H59 7V8 B . 0.23 -6.52 4.60
H55 7V8 B . -0.33 -0.88 -0.48
H60 7V8 B . -0.58 -4.26 5.28
H66 7V8 B . -0.71 3.68 6.43
H34 7V8 B . -1.04 -5.56 -2.42
H35 7V8 B . -1.63 -6.37 -1.13
H69 7V8 B . 0.19 -7.70 -3.13
H70 7V8 B . -0.24 -8.34 -1.55
H67 7V8 B . 1.71 -6.04 -2.12
H68 7V8 B . 2.07 -7.65 -1.52
H58 7V8 B . 0.76 -6.98 2.23
H92 7V8 B . -0.79 0.54 -6.80
H91 7V8 B . -0.81 2.05 -7.75
H94 7V8 B . 1.29 0.92 -8.23
H93 7V8 B . 1.60 2.41 -7.32
H97 7V8 B . 1.75 0.86 -5.28
H95 7V8 B . 3.01 0.82 -6.32
H64 7V8 B . -0.23 -0.58 6.23
H71 7V8 B . -1.86 7.14 4.49
H72 7V8 B . -2.28 6.29 2.99
H73 7V8 B . 0.06 6.38 2.26
H74 7V8 B . 0.54 6.95 3.87
H31 7V8 B . 0.41 8.67 1.94
H32 7V8 B . -0.18 9.09 3.44
H33 7V8 B . -1.95 -6.91 -2.69
H96 7V8 B . 1.89 -0.42 -6.37
H30 7V8 B . -1.26 8.68 2.27
C6 7V8 B . -0.17 1.97 -4.27
N13 7V8 B . -0.27 2.55 0.51
C2 7V8 B . -0.04 0.17 -2.64
C5 7V8 B . -0.25 2.88 -3.21
C11 7V8 B . -0.32 3.30 -0.66
C18 7V8 B . -0.21 -3.59 2.07
C29 7V8 B . -0.25 0.41 4.44
C31 7V8 B . -0.40 1.44 6.62
C28 7V8 B . -0.68 4.05 2.51
C23 7V8 B . -0.54 -3.38 3.43
C26 7V8 B . -0.58 2.82 4.61
C1 7V8 B . 0.00 0.59 -3.98
C16 7V8 B . 0.46 -5.10 0.30
C7 7V8 B . 0.00 -1.31 -2.25
C15 7V8 B . 0.31 -4.02 -0.61
C21 7V8 B . 0.06 -5.66 3.97
N9 7V8 B . -0.13 -1.56 -0.87
C4 7V8 B . -0.25 2.39 -1.88
C10 7V8 B . -0.02 -2.76 -0.10
C17 7V8 B . 0.21 -4.87 1.66
C22 7V8 B . -0.41 -4.41 4.37
C27 7V8 B . -0.79 4.05 3.93
C32 7V8 B . -0.59 2.70 6.03
N36 7V8 B . -1.46 -6.69 -1.85
C35 7V8 B . -0.15 -7.47 -1.94
C34 7V8 B . 1.11 -6.78 -1.42
O33 7V8 B . 0.84 -6.37 -0.07
N19 7V8 B . -0.29 -2.55 1.20
C20 7V8 B . 0.35 -5.90 2.62
O8 7V8 B . 0.12 -2.20 -3.07
N3 7V8 B . -0.18 1.06 -1.64
O49 7V8 B . -0.33 2.48 -5.54
C50 7V8 B . -0.38 1.68 -6.74
C51 7V8 B . 1.04 1.54 -7.33
N52 7V8 B . 1.99 0.58 -6.62
O12 7V8 B . -0.41 4.53 -0.68
C14 7V8 B . -0.42 2.82 1.87
N24 7V8 B . -0.30 1.67 2.51
C25 7V8 B . -0.38 1.66 3.84
C30 7V8 B . -0.28 0.30 5.83
O37 7V8 B . -1.17 5.16 4.66
C38 7V8 B . -1.50 6.41 4.03
C39 7V8 B . -0.21 7.11 3.62
N40 7V8 B . -0.34 8.23 2.61
H56 7V8 B . -0.13 1.57 0.34
H54 7V8 B . -0.35 3.94 -3.40
H63 7V8 B . -0.08 -0.47 3.83
H65 7V8 B . -0.33 1.30 7.68
H62 7V8 B . -0.81 4.94 1.92
H61 7V8 B . -0.92 -2.42 3.74
H53 7V8 B . 0.07 -0.15 -4.77
H57 7V8 B . 0.50 -4.15 -1.67
H59 7V8 B . 0.16 -6.47 4.69
H55 7V8 B . -0.37 -0.76 -0.31
H60 7V8 B . -0.66 -4.22 5.41
H66 7V8 B . -0.73 3.58 6.65
H34 7V8 B . -1.36 -5.70 -2.16
H35 7V8 B . -1.85 -6.60 -0.90
H69 7V8 B . 0.00 -7.72 -2.99
H70 7V8 B . -0.29 -8.41 -1.40
H67 7V8 B . 1.43 -5.95 -2.06
H68 7V8 B . 1.93 -7.51 -1.41
H58 7V8 B . 0.68 -6.89 2.31
H92 7V8 B . -0.85 0.70 -6.57
H91 7V8 B . -0.98 2.20 -7.48
H94 7V8 B . 0.94 1.17 -8.36
H93 7V8 B . 1.51 2.53 -7.36
H97 7V8 B . 2.87 0.49 -7.15
H95 7V8 B . 1.60 -0.37 -6.51
H64 7V8 B . -0.18 -0.67 6.28
H71 7V8 B . -2.02 7.06 4.74
H72 7V8 B . -2.16 6.25 3.17
H73 7V8 B . 0.46 6.35 3.20
H74 7V8 B . 0.26 7.50 4.52
H31 7V8 B . -1.23 8.78 2.78
H32 7V8 B . -0.41 7.87 1.64
H33 7V8 B . -2.17 -7.13 -2.48
H96 7V8 B . 2.26 0.93 -5.69
H30 7V8 B . 0.46 8.88 2.65
C6 7V8 B . 0.24 2.36 -4.72
N13 7V8 B . 0.08 2.71 0.09
C2 7V8 B . 0.15 0.49 -3.17
C5 7V8 B . 0.17 3.24 -3.62
C11 7V8 B . 0.10 3.53 -1.06
C18 7V8 B . -0.56 -3.05 1.57
C29 7V8 B . -0.02 0.58 4.07
C31 7V8 B . -0.35 1.63 6.22
C28 7V8 B . -0.37 4.19 2.08
C23 7V8 B . -0.94 -2.77 2.89
C26 7V8 B . -0.42 2.96 4.18
C1 7V8 B . 0.26 0.97 -4.50
C16 7V8 B . 0.02 -4.70 -0.12
C7 7V8 B . 0.02 -0.98 -2.80
C15 7V8 B . 0.06 -3.65 -1.06
C21 7V8 B . -0.68 -5.09 3.54
N9 7V8 B . -0.18 -1.18 -1.42
C4 7V8 B . 0.12 2.68 -2.33
C10 7V8 B . -0.19 -2.35 -0.61
C17 7V8 B . -0.29 -4.39 1.22
C22 7V8 B . -0.98 -3.77 3.88
C27 7V8 B . -0.57 4.19 3.47
C32 7V8 B . -0.52 2.88 5.58
N36 7V8 B . -1.70 -7.70 -1.90
C35 7V8 B . -0.18 -7.82 -1.92
C34 7V8 B . 0.53 -6.48 -1.77
O33 7V8 B . 0.23 -6.03 -0.44
N19 7V8 B . -0.50 -2.06 0.66
C20 7V8 B . -0.35 -5.41 2.21
O8 7V8 B . 0.04 -1.88 -3.62
N3 7V8 B . 0.08 1.35 -2.13
O49 7V8 B . 0.19 2.94 -5.98
C50 7V8 B . 0.14 2.19 -7.21
C51 7V8 B . 1.57 1.83 -7.64
N52 7V8 B . 2.21 0.62 -6.97
O12 7V8 B . 0.09 4.75 -1.02
C14 7V8 B . -0.11 2.96 1.45
N24 7V8 B . -0.03 1.81 2.10
C25 7V8 B . -0.15 1.79 3.43
C30 7V8 B . -0.13 0.48 5.46
O37 7V8 B . -1.00 5.31 4.16
C38 7V8 B . -1.27 6.55 3.50
C39 7V8 B . 0.05 7.21 3.21
N40 7V8 B . 0.04 8.33 2.17
H56 7V8 B . 0.22 1.74 -0.10
H54 7V8 B . 0.16 4.31 -3.76
H63 7V8 B . 0.24 -0.31 3.48
H65 7V8 B . -0.35 1.51 7.30
H62 7V8 B . -0.45 5.08 1.48
H61 7V8 B . -1.24 -1.76 3.14
H53 7V8 B . 0.24 0.24 -5.31
H57 7V8 B . 0.32 -3.82 -2.10
H59 7V8 B . -0.74 -5.87 4.29
H55 7V8 B . -0.38 -0.34 -0.90
H60 7V8 B . -1.28 -3.51 4.89
H66 7V8 B . -0.70 3.76 6.19
H34 7V8 B . -2.19 -8.54 -2.27
H35 7V8 B . -1.98 -6.92 -2.55
H69 7V8 B . 0.10 -8.27 -2.87
H70 7V8 B . 0.13 -8.50 -1.11
H67 7V8 B . 0.14 -5.82 -2.54
H68 7V8 B . 1.62 -6.58 -1.89
H58 7V8 B . -0.14 -6.45 1.96
H92 7V8 B . -0.49 1.30 -7.13
H91 7V8 B . -0.29 2.82 -8.00
H94 7V8 B . 1.55 1.62 -8.72
H93 7V8 B . 2.21 2.70 -7.47
H97 7V8 B . 1.63 -0.22 -7.10
H95 7V8 B . 2.38 0.79 -5.95
H64 7V8 B . -0.02 -0.48 5.94
H71 7V8 B . -1.85 7.21 4.15
H72 7V8 B . -1.83 6.38 2.57
H73 7V8 B . 0.74 6.44 2.85
H74 7V8 B . 0.44 7.61 4.15
H31 7V8 B . -0.84 8.89 2.24
H32 7V8 B . 0.04 7.96 1.21
H33 7V8 B . -2.08 -7.40 -0.98
H96 7V8 B . 3.14 0.44 -7.39
H30 7V8 B . 0.85 8.95 2.28
C6 7V8 B . 0.30 1.92 -4.41
N13 7V8 B . -0.02 2.47 0.35
C2 7V8 B . 0.30 0.10 -2.80
C5 7V8 B . 0.17 2.82 -3.35
C11 7V8 B . -0.02 3.23 -0.81
C18 7V8 B . 0.14 -3.65 1.90
C29 7V8 B . -0.25 0.39 4.34
C31 7V8 B . -0.54 1.46 6.47
C28 7V8 B . -0.56 3.99 2.30
C23 7V8 B . -0.23 -3.46 3.25
C26 7V8 B . -0.55 2.80 4.43
C1 7V8 B . 0.39 0.54 -4.14
C16 7V8 B . 0.92 -5.14 0.15
C7 7V8 B . 0.34 -1.38 -2.43
C15 7V8 B . 0.71 -4.09 -0.77
C21 7V8 B . 0.42 -5.72 3.80
N9 7V8 B . 0.16 -1.65 -1.05
C4 7V8 B . 0.11 2.32 -2.03
C10 7V8 B . 0.31 -2.84 -0.28
C17 7V8 B . 0.62 -4.91 1.50
C22 7V8 B . -0.10 -4.48 4.19
C27 7V8 B . -0.74 4.01 3.71
C32 7V8 B . -0.64 2.72 5.84
N36 7V8 B . -1.01 -6.57 -1.85
C35 7V8 B . 0.24 -7.43 -2.05
C34 7V8 B . 1.56 -6.82 -1.57
O33 7V8 B . 1.33 -6.41 -0.21
N19 7V8 B . 0.02 -2.63 1.02
C20 7V8 B . 0.77 -5.94 2.47
O8 7V8 B . 0.46 -2.26 -3.27
N3 7V8 B . 0.15 0.98 -1.79
O49 7V8 B . 0.26 2.46 -5.69
C50 7V8 B . 0.28 1.68 -6.90
C51 7V8 B . 1.73 1.39 -7.30
N52 7V8 B . 2.45 0.27 -6.56
O12 7V8 B . -0.10 4.45 -0.84
C14 7V8 B . -0.24 2.76 1.70
N24 7V8 B . -0.16 1.62 2.38
C25 7V8 B . -0.31 1.62 3.69
C30 7V8 B . -0.39 0.31 5.72
O37 7V8 B . -1.17 5.13 4.40
C38 7V8 B . -1.51 6.37 3.77
C39 7V8 B . -0.27 7.04 3.19
N40 7V8 B . -0.50 8.47 2.71
H56 7V8 B . 0.13 1.49 0.20
H54 7V8 B . 0.09 3.89 -3.53
H63 7V8 B . -0.07 -0.50 3.75
H65 7V8 B . -0.55 1.35 7.55
H62 7V8 B . -0.69 4.87 1.69
H61 7V8 B . -0.66 -2.52 3.55
H53 7V8 B . 0.46 -0.19 -4.92
H57 7V8 B . 0.91 -4.20 -1.82
H59 7V8 B . 0.53 -6.52 4.54
H55 7V8 B . -0.11 -0.84 -0.50
H60 7V8 B . -0.41 -4.32 5.22
H66 7V8 B . -0.81 3.62 6.44
H34 7V8 B . -1.81 -6.97 -2.40
H35 7V8 B . -0.92 -5.59 -2.17
H69 7V8 B . 0.30 -7.66 -3.12
H70 7V8 B . 0.08 -8.37 -1.53
H67 7V8 B . 1.87 -6.00 -2.21
H68 7V8 B . 2.33 -7.59 -1.60
H58 7V8 B . 1.15 -6.92 2.19
H92 7V8 B . -0.31 0.76 -6.80
H91 7V8 B . -0.18 2.28 -7.70
H94 7V8 B . 1.74 1.12 -8.36
H93 7V8 B . 2.32 2.31 -7.19
H97 7V8 B . 3.38 0.08 -6.97
H95 7V8 B . 1.90 -0.60 -6.59
H64 7V8 B . -0.34 -0.65 6.20
H71 7V8 B . -1.95 7.05 4.50
H72 7V8 B . -2.25 6.21 2.97
H73 7V8 B . 0.13 6.46 2.36
H74 7V8 B . 0.49 7.07 3.98
H31 7V8 B . -1.50 8.64 2.50
H32 7V8 B . 0.05 8.73 1.86
H33 7V8 B . -1.33 -6.50 -0.86
H96 7V8 B . 2.63 0.52 -5.56
H30 7V8 B . -0.25 9.14 3.46
C6 7V8 B . -0.02 1.77 -4.58
N13 7V8 B . -0.28 2.49 0.16
C2 7V8 B . -0.01 0.00 -2.91
C5 7V8 B . -0.16 2.70 -3.53
C11 7V8 B . -0.30 3.21 -1.03
C18 7V8 B . -0.11 -3.49 1.99
C29 7V8 B . -0.32 0.59 4.23
C31 7V8 B . -0.41 1.77 6.33
C28 7V8 B . -0.57 4.12 2.07
C23 7V8 B . -0.48 -3.25 3.32
C26 7V8 B . -0.53 3.01 4.24
C1 7V8 B . 0.08 0.40 -4.26
C16 7V8 B . 0.68 -5.07 0.32
C7 7V8 B . 0.02 -1.47 -2.46
C15 7V8 B . 0.45 -4.07 -0.66
C21 7V8 B . 0.24 -5.46 4.01
N9 7V8 B . -0.13 -1.65 -1.07
C4 7V8 B . -0.22 2.25 -2.21
C10 7V8 B . 0.04 -2.79 -0.23
C17 7V8 B . 0.39 -4.78 1.67
C22 7V8 B . -0.30 -4.21 4.33
C27 7V8 B . -0.68 4.21 3.48
C32 7V8 B . -0.54 2.99 5.65
N36 7V8 B . -1.18 -6.68 -1.84
C35 7V8 B . 0.09 -7.51 -1.79
C34 7V8 B . 1.38 -6.81 -1.31
O33 7V8 B . 1.12 -6.34 0.01
N19 7V8 B . -0.25 -2.53 1.06
C20 7V8 B . 0.58 -5.75 2.67
O8 7V8 B . 0.18 -2.38 -3.25
N3 7V8 B . -0.17 0.92 -1.93
O49 7V8 B . -0.08 2.27 -5.87
C50 7V8 B . -0.05 1.46 -7.06
C51 7V8 B . 1.41 1.20 -7.48
N52 7V8 B . 2.15 0.08 -6.77
O12 7V8 B . -0.35 4.42 -1.11
C14 7V8 B . -0.39 2.85 1.51
N24 7V8 B . -0.33 1.73 2.21
C25 7V8 B . -0.39 1.80 3.54
C30 7V8 B . -0.35 0.58 5.62
O37 7V8 B . -0.98 5.38 4.14
C38 7V8 B . -1.25 6.61 3.44
C39 7V8 B . 0.06 7.14 2.87
N40 7V8 B . 0.01 8.53 2.25
H56 7V8 B . -0.18 1.49 0.04
H54 7V8 B . -0.23 3.77 -3.76
H63 7V8 B . -0.19 -0.32 3.68
H65 7V8 B . -0.33 1.70 7.41
H62 7V8 B . -0.63 4.99 1.44
H61 7V8 B . -0.93 -2.30 3.58
H53 7V8 B . 0.16 -0.36 -5.03
H57 7V8 B . 0.66 -4.23 -1.71
H59 7V8 B . 0.39 -6.21 4.78
H55 7V8 B . -0.41 -0.82 -0.56
H60 7V8 B . -0.60 -3.99 5.35
H66 7V8 B . -0.60 3.92 6.22
H34 7V8 B . -1.89 -7.15 -2.44
H35 7V8 B . -1.04 -5.74 -2.24
H69 7V8 B . 0.27 -7.89 -2.79
H70 7V8 B . -0.10 -8.37 -1.15
H67 7V8 B . 1.68 -6.01 -1.99
H68 7V8 B . 2.18 -7.56 -1.28
H58 7V8 B . 0.98 -6.73 2.44
H92 7V8 B . -0.61 0.53 -6.92
H91 7V8 B . -0.55 2.01 -7.86
H94 7V8 B . 1.39 0.94 -8.54
H93 7V8 B . 1.97 2.13 -7.37
H97 7V8 B . 2.33 0.28 -5.77
H95 7V8 B . 3.09 -0.06 -7.21
H64 7V8 B . -0.29 -0.36 6.14
H71 7V8 B . -1.64 7.36 4.14
H72 7V8 B . -1.99 6.47 2.64
H73 7V8 B . 0.44 6.46 2.12
H74 7V8 B . 0.77 7.17 3.70
H31 7V8 B . 0.81 8.72 1.63
H32 7V8 B . 0.00 9.25 3.00
H33 7V8 B . -1.62 -6.50 -0.91
H96 7V8 B . 1.66 -0.82 -6.85
H30 7V8 B . -0.90 8.69 1.75
C6 7V8 B . 0.18 1.96 -4.53
N13 7V8 B . -0.24 2.54 0.22
C2 7V8 B . 0.13 0.16 -2.90
C5 7V8 B . 0.04 2.87 -3.47
C11 7V8 B . -0.19 3.30 -0.94
C18 7V8 B . -0.19 -3.53 1.86
C29 7V8 B . -0.54 0.43 4.17
C31 7V8 B . -0.81 1.49 6.32
C28 7V8 B . -0.74 4.05 2.17
C23 7V8 B . -0.60 -3.34 3.20
C26 7V8 B . -0.82 2.85 4.29
C1 7V8 B . 0.26 0.58 -4.24
C16 7V8 B . 0.64 -5.03 0.15
C7 7V8 B . 0.14 -1.32 -2.49
C15 7V8 B . 0.45 -3.99 -0.79
C21 7V8 B . 0.03 -5.60 3.79
N9 7V8 B . -0.07 -1.55 -1.10
C4 7V8 B . -0.05 2.39 -2.16
C10 7V8 B . 0.05 -2.73 -0.31
C17 7V8 B . 0.31 -4.80 1.50
C22 7V8 B . -0.50 -4.36 4.16
C27 7V8 B . -0.94 4.06 3.58
C32 7V8 B . -0.91 2.75 5.69
N36 7V8 B . -1.18 -6.30 -2.02
C35 7V8 B . 0.01 -7.22 -2.12
C34 7V8 B . 1.33 -6.71 -1.52
O33 7V8 B . 1.06 -6.29 -0.19
N19 7V8 B . -0.27 -2.51 0.98
C20 7V8 B . 0.41 -5.83 2.46
O8 7V8 B . 0.28 -2.21 -3.30
N3 7V8 B . -0.03 1.05 -1.90
O49 7V8 B . 0.12 2.48 -5.81
C50 7V8 B . 0.13 1.70 -7.01
C51 7V8 B . 1.58 1.55 -7.50
N52 7V8 B . 2.43 0.47 -6.85
O12 7V8 B . -0.25 4.52 -0.97
C14 7V8 B . -0.46 2.82 1.57
N24 7V8 B . -0.43 1.67 2.23
C25 7V8 B . -0.59 1.67 3.54
C30 7V8 B . -0.67 0.34 5.55
O37 7V8 B . -1.32 5.20 4.27
C38 7V8 B . -1.57 6.45 3.61
C39 7V8 B . -0.23 7.10 3.29
N40 7V8 B . -0.30 8.32 2.39
H56 7V8 B . -0.10 1.55 0.06
H54 7V8 B . -0.02 3.94 -3.67
H63 7V8 B . -0.33 -0.44 3.57
H65 7V8 B . -0.80 1.36 7.39
H62 7V8 B . -0.80 4.95 1.57
H61 7V8 B . -1.05 -2.40 3.49
H53 7V8 B . 0.36 -0.16 -5.03
H57 7V8 B . 0.70 -4.12 -1.84
H59 7V8 B . 0.12 -6.40 4.52
H55 7V8 B . -0.36 -0.74 -0.58
H60 7V8 B . -0.83 -4.19 5.18
H66 7V8 B . -1.05 3.64 6.30
H34 7V8 B . -1.02 -5.35 -2.39
H35 7V8 B . -1.53 -6.16 -1.05
H69 7V8 B . 0.16 -7.44 -3.18
H70 7V8 B . -0.25 -8.15 -1.62
H67 7V8 B . 1.76 -5.90 -2.13
H68 7V8 B . 2.06 -7.53 -1.52
H58 7V8 B . 0.79 -6.81 2.19
H92 7V8 B . -0.35 0.73 -6.89
H91 7V8 B . -0.43 2.24 -7.79
H94 7V8 B . 1.54 1.33 -8.58
H93 7V8 B . 2.08 2.52 -7.39
H97 7V8 B . 2.63 0.68 -5.86
H95 7V8 B . 3.36 0.44 -7.33
H64 7V8 B . -0.60 -0.63 6.02
H71 7V8 B . -2.09 7.13 4.28
H72 7V8 B . -2.17 6.32 2.71
H73 7V8 B . 0.41 6.35 2.81
H74 7V8 B . 0.23 7.39 4.24
H31 7V8 B . -1.21 8.80 2.49
H32 7V8 B . -0.21 8.05 1.39
H33 7V8 B . -1.97 -6.68 -2.61
H96 7V8 B . 1.99 -0.46 -6.95
H30 7V8 B . 0.44 9.00 2.64
C6 7V8 B . -0.07 1.51 -4.71
N13 7V8 B . -0.31 2.50 -0.01
C2 7V8 B . -0.01 -0.15 -2.91
C5 7V8 B . -0.18 2.51 -3.73
C11 7V8 B . -0.31 3.16 -1.23
C18 7V8 B . -0.16 -3.52 2.11
C29 7V8 B . -0.45 0.61 4.05
C31 7V8 B . -0.56 1.78 6.15
C28 7V8 B . -0.68 4.13 1.89
C23 7V8 B . -0.53 -3.25 3.44
C26 7V8 B . -0.66 3.03 4.06
C1 7V8 B . 0.08 0.17 -4.29
C16 7V8 B . 0.65 -5.11 0.46
C7 7V8 B . 0.04 -1.58 -2.39
C15 7V8 B . 0.43 -4.12 -0.52
C21 7V8 B . 0.18 -5.45 4.15
N9 7V8 B . -0.14 -1.72 -0.98
C4 7V8 B . -0.22 2.15 -2.36
C10 7V8 B . 0.02 -2.85 -0.12
C17 7V8 B . 0.35 -4.80 1.81
C22 7V8 B . -0.36 -4.20 4.45
C27 7V8 B . -0.80 4.22 3.29
C32 7V8 B . -0.69 3.01 5.48
N36 7V8 B . -1.10 -6.74 -1.74
C35 7V8 B . 0.17 -7.57 -1.66
C34 7V8 B . 1.43 -6.85 -1.12
O33 7V8 B . 1.13 -6.37 0.19
N19 7V8 B . -0.30 -2.56 1.16
C20 7V8 B . 0.52 -5.76 2.83
O8 7V8 B . 0.18 -2.54 -3.13
N3 7V8 B . -0.17 0.84 -1.99
O49 7V8 B . -0.19 1.89 -6.03
C50 7V8 B . -0.22 0.98 -7.14
C51 7V8 B . 1.20 0.83 -7.72
N52 7V8 B . 2.21 0.15 -6.82
O12 7V8 B . -0.38 4.37 -1.34
C14 7V8 B . -0.45 2.86 1.33
N24 7V8 B . -0.40 1.74 2.04
C25 7V8 B . -0.51 1.82 3.36
C30 7V8 B . -0.50 0.59 5.44
O37 7V8 B . -1.12 5.40 3.95
C38 7V8 B . -1.39 6.64 3.27
C39 7V8 B . -0.08 7.21 2.74
N40 7V8 B . -0.09 8.69 2.34
H56 7V8 B . -0.20 1.49 -0.10
H54 7V8 B . -0.27 3.56 -4.02
H63 7V8 B . -0.31 -0.30 3.49
H65 7V8 B . -0.47 1.71 7.23
H62 7V8 B . -0.75 5.00 1.25
H61 7V8 B . -0.97 -2.30 3.70
H53 7V8 B . 0.15 -0.65 -4.99
H57 7V8 B . 0.65 -4.31 -1.57
H59 7V8 B . 0.33 -6.19 4.94
H55 7V8 B . -0.44 -0.88 -0.51
H60 7V8 B . -0.66 -3.97 5.47
H66 7V8 B . -0.75 3.93 6.04
H34 7V8 B . -1.82 -7.23 -2.32
H35 7V8 B . -0.97 -5.81 -2.18
H69 7V8 B . 0.37 -7.96 -2.66
H70 7V8 B . -0.03 -8.42 -1.01
H67 7V8 B . 1.76 -6.05 -1.80
H68 7V8 B . 2.25 -7.59 -1.07
H58 7V8 B . 0.93 -6.74 2.61
H92 7V8 B . -0.64 0.01 -6.89
H91 7V8 B . -0.85 1.40 -7.94
H94 7V8 B . 1.14 0.24 -8.64
H93 7V8 B . 1.59 1.83 -7.98
H97 7V8 B . 3.14 0.03 -7.28
H95 7V8 B . 1.90 -0.80 -6.54
H64 7V8 B . -0.43 -0.36 5.95
H71 7V8 B . -1.79 7.37 3.98
H72 7V8 B . -2.11 6.51 2.46
H73 7V8 B . 0.24 6.62 1.88
H74 7V8 B . 0.65 7.09 3.53
H31 7V8 B . -1.01 8.99 1.98
H32 7V8 B . 0.64 8.87 1.62
H33 7V8 B . -1.53 -6.53 -0.82
H96 7V8 B . 2.38 0.69 -5.96
H30 7V8 B . 0.10 9.29 3.16
#